data_2JGS
#
_entry.id   2JGS
#
_cell.length_a   41.768
_cell.length_b   79.309
_cell.length_c   71.727
_cell.angle_alpha   90.00
_cell.angle_beta   98.73
_cell.angle_gamma   90.00
#
_symmetry.space_group_name_H-M   'P 1 21 1'
#
loop_
_entity.id
_entity.type
_entity.pdbx_description
1 polymer 'CIRCULAR PERMUTANT OF AVIDIN'
2 non-polymer BIOTIN
3 water water
#
_entity_poly.entity_id   1
_entity_poly.type   'polypeptide(L)'
_entity_poly.pdbx_seq_one_letter_code
;GSKESPLHGTQNTINKRTQPTFGFTVNWKFSESTTVFTGQCFIDRNGKEVLKTMWLLRSSVNDIGDDWKATRVGIMIFTR
LRTQKEGGSGGSARKCSLTGKWTNDLGSNMTIGAVNSRGEFTGTYITAVT
;
_entity_poly.pdbx_strand_id   A,B,C,D
#
# COMPACT_ATOMS: atom_id res chain seq x y z
N GLU A 4 -10.40 -17.97 16.86
CA GLU A 4 -10.98 -17.64 15.50
C GLU A 4 -11.62 -16.27 15.50
N SER A 5 -11.53 -15.59 14.37
CA SER A 5 -12.11 -14.26 14.15
C SER A 5 -13.04 -14.32 12.94
N PRO A 6 -14.18 -13.59 12.98
CA PRO A 6 -15.12 -13.56 11.85
C PRO A 6 -14.61 -12.69 10.74
N LEU A 7 -14.91 -13.12 9.52
CA LEU A 7 -14.64 -12.33 8.34
C LEU A 7 -16.00 -12.11 7.66
N HIS A 8 -16.09 -11.04 6.86
CA HIS A 8 -17.31 -10.68 6.16
C HIS A 8 -16.90 -10.02 4.89
N GLY A 9 -17.36 -10.56 3.76
CA GLY A 9 -16.98 -9.95 2.48
C GLY A 9 -17.97 -10.14 1.36
N THR A 10 -17.50 -9.90 0.15
CA THR A 10 -18.38 -9.91 -0.98
C THR A 10 -17.51 -10.37 -2.13
N GLN A 11 -18.12 -11.11 -3.04
CA GLN A 11 -17.48 -11.54 -4.26
C GLN A 11 -18.17 -10.82 -5.42
N ASN A 12 -17.38 -10.31 -6.35
CA ASN A 12 -17.95 -9.58 -7.47
C ASN A 12 -18.73 -10.56 -8.37
N THR A 13 -19.96 -10.21 -8.75
CA THR A 13 -20.82 -11.14 -9.51
C THR A 13 -21.09 -10.66 -10.93
N ILE A 14 -20.48 -9.53 -11.27
CA ILE A 14 -20.69 -8.90 -12.56
C ILE A 14 -20.11 -9.79 -13.66
N ASN A 15 -20.90 -9.97 -14.71
CA ASN A 15 -20.56 -10.82 -15.87
C ASN A 15 -20.27 -12.27 -15.47
N LYS A 16 -19.59 -13.00 -16.35
CA LYS A 16 -19.36 -14.43 -16.14
C LYS A 16 -19.36 -14.77 -14.65
N ARG A 17 -18.30 -14.49 -13.87
CA ARG A 17 -16.90 -14.57 -14.28
C ARG A 17 -16.39 -15.86 -13.59
N THR A 18 -15.68 -16.69 -14.35
CA THR A 18 -15.06 -17.91 -13.80
C THR A 18 -14.04 -17.62 -12.68
N GLN A 19 -13.44 -16.44 -12.73
CA GLN A 19 -12.42 -16.03 -11.76
C GLN A 19 -12.72 -14.67 -11.15
N PRO A 20 -13.71 -14.61 -10.22
CA PRO A 20 -14.13 -13.34 -9.64
C PRO A 20 -13.12 -12.66 -8.71
N THR A 21 -13.19 -11.33 -8.65
CA THR A 21 -12.49 -10.61 -7.60
C THR A 21 -13.36 -10.67 -6.35
N PHE A 22 -12.75 -10.34 -5.22
CA PHE A 22 -13.48 -10.36 -3.98
C PHE A 22 -12.74 -9.49 -2.96
N GLY A 23 -13.39 -9.30 -1.83
CA GLY A 23 -12.77 -8.56 -0.72
C GLY A 23 -13.43 -9.10 0.52
N PHE A 24 -12.69 -9.09 1.63
CA PHE A 24 -13.29 -9.27 2.96
C PHE A 24 -12.57 -8.53 4.07
N THR A 25 -13.26 -8.39 5.19
CA THR A 25 -12.72 -7.71 6.36
C THR A 25 -12.68 -8.72 7.46
N VAL A 26 -11.52 -8.87 8.10
CA VAL A 26 -11.44 -9.72 9.31
C VAL A 26 -11.51 -8.84 10.57
N ASN A 27 -12.47 -9.11 11.43
CA ASN A 27 -12.64 -8.35 12.63
C ASN A 27 -11.93 -9.13 13.74
N TRP A 28 -10.66 -8.81 14.01
CA TRP A 28 -9.87 -9.63 14.95
C TRP A 28 -10.45 -9.68 16.35
N LYS A 29 -10.49 -10.89 16.90
CA LYS A 29 -11.11 -11.13 18.24
C LYS A 29 -10.12 -11.13 19.41
N PHE A 30 -8.85 -10.86 19.14
CA PHE A 30 -7.79 -10.88 20.15
C PHE A 30 -7.00 -9.56 20.12
N SER A 31 -7.31 -8.71 19.16
CA SER A 31 -6.63 -7.42 18.90
C SER A 31 -7.66 -6.33 18.56
N GLU A 32 -7.28 -5.06 18.67
CA GLU A 32 -8.22 -3.97 18.26
C GLU A 32 -8.03 -3.56 16.79
N SER A 33 -7.21 -4.29 16.09
CA SER A 33 -6.98 -3.91 14.71
C SER A 33 -8.00 -4.56 13.77
N THR A 34 -7.95 -4.19 12.49
CA THR A 34 -8.84 -4.75 11.50
C THR A 34 -7.97 -4.96 10.30
N THR A 35 -8.16 -6.06 9.59
CA THR A 35 -7.51 -6.27 8.30
C THR A 35 -8.49 -6.42 7.18
N VAL A 36 -8.19 -5.84 6.00
CA VAL A 36 -9.00 -6.10 4.86
C VAL A 36 -8.12 -6.79 3.79
N PHE A 37 -8.70 -7.75 3.11
CA PHE A 37 -8.05 -8.49 2.04
C PHE A 37 -8.82 -8.27 0.77
N THR A 38 -8.15 -8.12 -0.36
CA THR A 38 -8.85 -8.11 -1.64
C THR A 38 -8.03 -8.88 -2.64
N GLY A 39 -8.66 -9.56 -3.61
CA GLY A 39 -7.89 -10.23 -4.61
C GLY A 39 -8.76 -10.97 -5.61
N GLN A 40 -8.24 -12.05 -6.15
CA GLN A 40 -8.99 -12.75 -7.19
C GLN A 40 -8.76 -14.23 -7.04
N CYS A 41 -9.80 -15.00 -7.39
CA CYS A 41 -9.88 -16.44 -7.28
C CYS A 41 -9.45 -16.95 -8.64
N PHE A 42 -8.32 -17.64 -8.72
CA PHE A 42 -7.91 -18.25 -9.99
C PHE A 42 -8.12 -19.77 -10.03
N ILE A 43 -8.45 -20.31 -11.19
CA ILE A 43 -8.58 -21.76 -11.30
C ILE A 43 -7.88 -22.26 -12.59
N ASP A 44 -7.05 -23.30 -12.44
CA ASP A 44 -6.41 -24.00 -13.58
C ASP A 44 -6.21 -25.48 -13.24
N LYS A 48 -7.15 -26.59 -10.22
CA LYS A 48 -6.50 -26.09 -9.01
C LYS A 48 -6.89 -24.63 -8.74
N GLU A 49 -7.41 -24.37 -7.54
CA GLU A 49 -7.89 -23.05 -7.16
C GLU A 49 -6.85 -22.37 -6.26
N VAL A 50 -6.58 -21.08 -6.52
CA VAL A 50 -5.72 -20.25 -5.65
C VAL A 50 -6.31 -18.85 -5.46
N LEU A 51 -6.23 -18.32 -4.25
CA LEU A 51 -6.64 -16.94 -4.01
C LEU A 51 -5.36 -16.12 -3.93
N LYS A 52 -5.20 -15.15 -4.82
CA LYS A 52 -4.12 -14.18 -4.72
C LYS A 52 -4.75 -12.90 -4.19
N THR A 53 -4.29 -12.51 -3.01
CA THR A 53 -4.78 -11.34 -2.32
C THR A 53 -3.65 -10.41 -1.92
N MET A 54 -4.05 -9.14 -1.75
CA MET A 54 -3.27 -8.19 -1.01
C MET A 54 -4.12 -7.73 0.17
N TRP A 55 -3.45 -7.29 1.23
CA TRP A 55 -4.13 -6.83 2.44
C TRP A 55 -3.61 -5.53 3.07
N LEU A 56 -4.48 -4.85 3.82
CA LEU A 56 -4.14 -3.69 4.65
C LEU A 56 -4.49 -4.05 6.07
N LEU A 57 -3.52 -3.99 6.95
CA LEU A 57 -3.76 -4.24 8.40
C LEU A 57 -3.76 -2.92 9.12
N ARG A 58 -4.93 -2.59 9.70
CA ARG A 58 -5.11 -1.30 10.27
C ARG A 58 -4.95 -1.45 11.77
N SER A 59 -3.97 -0.75 12.35
CA SER A 59 -3.82 -0.68 13.80
C SER A 59 -4.68 0.44 14.40
N SER A 60 -5.10 0.28 15.65
CA SER A 60 -5.77 1.37 16.31
C SER A 60 -4.74 2.32 16.89
N VAL A 61 -4.91 3.63 16.65
CA VAL A 61 -4.05 4.63 17.27
C VAL A 61 -4.83 5.53 18.22
N ASN A 62 -4.12 6.10 19.19
CA ASN A 62 -4.71 6.86 20.29
C ASN A 62 -5.00 8.31 19.94
N ASP A 63 -4.28 8.80 18.93
CA ASP A 63 -4.32 10.19 18.54
C ASP A 63 -4.41 10.27 17.02
N ILE A 64 -5.14 11.26 16.50
CA ILE A 64 -5.21 11.45 15.05
C ILE A 64 -3.82 11.79 14.46
N GLY A 65 -2.93 12.28 15.33
CA GLY A 65 -1.51 12.55 15.01
C GLY A 65 -0.69 11.35 14.58
N ASP A 66 -1.14 10.17 15.02
CA ASP A 66 -0.43 8.92 14.83
C ASP A 66 -1.02 8.12 13.65
N ASP A 67 -2.08 8.65 13.05
CA ASP A 67 -2.80 7.92 11.99
C ASP A 67 -1.88 7.50 10.84
N TRP A 68 -0.84 8.31 10.58
CA TRP A 68 0.03 8.07 9.40
C TRP A 68 0.74 6.71 9.43
N LYS A 69 0.96 6.16 10.63
CA LYS A 69 1.75 4.93 10.79
C LYS A 69 0.88 3.70 11.11
N ALA A 70 -0.41 3.82 10.84
CA ALA A 70 -1.40 2.89 11.36
C ALA A 70 -1.67 1.75 10.41
N THR A 71 -1.09 1.81 9.21
CA THR A 71 -1.48 0.83 8.21
C THR A 71 -0.30 0.07 7.58
N ARG A 72 -0.30 -1.28 7.72
CA ARG A 72 0.75 -2.10 7.14
C ARG A 72 0.14 -2.75 5.89
N VAL A 73 1.00 -3.15 4.98
CA VAL A 73 0.50 -3.77 3.76
C VAL A 73 1.28 -5.05 3.42
N GLY A 74 0.61 -5.98 2.74
CA GLY A 74 1.30 -7.14 2.26
C GLY A 74 0.43 -7.99 1.37
N ILE A 75 0.94 -9.18 1.09
CA ILE A 75 0.23 -10.17 0.26
C ILE A 75 -0.13 -11.43 1.02
N MET A 76 -1.05 -12.22 0.46
CA MET A 76 -1.27 -13.57 0.96
C MET A 76 -1.87 -14.46 -0.11
N ILE A 77 -1.24 -15.61 -0.34
CA ILE A 77 -1.79 -16.56 -1.30
C ILE A 77 -2.40 -17.69 -0.48
N PHE A 78 -3.64 -18.06 -0.80
CA PHE A 78 -4.27 -19.18 -0.14
C PHE A 78 -4.46 -20.31 -1.17
N THR A 79 -4.39 -21.54 -0.70
CA THR A 79 -4.65 -22.70 -1.55
C THR A 79 -5.64 -23.61 -0.81
N ARG A 80 -6.23 -24.58 -1.52
CA ARG A 80 -7.28 -25.43 -0.93
C ARG A 80 -6.79 -26.29 0.26
N CYS A 96 -13.98 -21.26 -9.94
CA CYS A 96 -13.39 -20.91 -8.66
C CYS A 96 -14.42 -20.32 -7.69
N SER A 97 -14.65 -20.99 -6.57
CA SER A 97 -15.52 -20.42 -5.54
C SER A 97 -14.73 -20.13 -4.26
N LEU A 98 -15.17 -19.11 -3.52
CA LEU A 98 -14.55 -18.77 -2.26
C LEU A 98 -14.96 -19.75 -1.16
N THR A 99 -16.14 -20.36 -1.32
CA THR A 99 -16.69 -21.32 -0.36
C THR A 99 -15.75 -22.48 -0.06
N GLY A 100 -15.57 -22.75 1.22
CA GLY A 100 -14.78 -23.89 1.67
C GLY A 100 -13.59 -23.50 2.51
N LYS A 101 -12.62 -24.42 2.60
CA LYS A 101 -11.46 -24.21 3.48
C LYS A 101 -10.17 -23.87 2.73
N TRP A 102 -9.46 -22.87 3.23
CA TRP A 102 -8.25 -22.34 2.61
C TRP A 102 -7.14 -22.31 3.64
N THR A 103 -5.90 -22.53 3.18
CA THR A 103 -4.72 -22.40 4.04
C THR A 103 -3.65 -21.55 3.33
N ASN A 104 -2.64 -21.11 4.07
CA ASN A 104 -1.48 -20.47 3.45
C ASN A 104 -0.20 -20.89 4.19
N ASP A 105 0.96 -20.40 3.75
CA ASP A 105 2.24 -20.87 4.32
C ASP A 105 2.83 -20.03 5.44
N LEU A 106 2.02 -19.14 5.98
CA LEU A 106 2.26 -18.62 7.32
C LEU A 106 1.61 -19.59 8.30
N GLY A 107 0.84 -20.53 7.76
CA GLY A 107 0.06 -21.48 8.56
C GLY A 107 -1.33 -20.99 8.90
N SER A 108 -1.72 -19.84 8.33
CA SER A 108 -3.04 -19.29 8.60
C SER A 108 -4.11 -20.04 7.83
N ASN A 109 -5.26 -20.19 8.46
CA ASN A 109 -6.38 -20.96 7.91
C ASN A 109 -7.61 -20.06 7.81
N MET A 110 -8.42 -20.29 6.78
CA MET A 110 -9.73 -19.68 6.74
C MET A 110 -10.84 -20.60 6.21
N THR A 111 -12.05 -20.43 6.75
CA THR A 111 -13.25 -21.17 6.32
C THR A 111 -14.26 -20.14 5.86
N ILE A 112 -14.78 -20.33 4.65
CA ILE A 112 -15.77 -19.43 4.06
C ILE A 112 -17.06 -20.21 3.80
N GLY A 113 -18.20 -19.60 4.13
CA GLY A 113 -19.49 -20.24 3.91
C GLY A 113 -20.03 -20.02 2.52
N ALA A 114 -21.28 -20.40 2.31
CA ALA A 114 -21.96 -20.16 1.03
C ALA A 114 -21.96 -18.68 0.62
N VAL A 115 -21.69 -18.44 -0.66
CA VAL A 115 -21.83 -17.13 -1.26
C VAL A 115 -23.26 -16.91 -1.78
N ASN A 116 -23.85 -15.78 -1.36
CA ASN A 116 -25.15 -15.28 -1.82
C ASN A 116 -25.24 -15.06 -3.30
N SER A 117 -26.48 -14.90 -3.81
CA SER A 117 -26.71 -14.46 -5.18
C SER A 117 -26.15 -13.03 -5.44
N ARG A 118 -26.18 -12.20 -4.40
CA ARG A 118 -25.58 -10.85 -4.40
C ARG A 118 -24.06 -10.89 -4.20
N GLY A 119 -23.57 -12.01 -3.70
CA GLY A 119 -22.15 -12.24 -3.56
C GLY A 119 -21.60 -12.06 -2.17
N GLU A 120 -22.48 -11.86 -1.18
CA GLU A 120 -22.05 -11.72 0.21
C GLU A 120 -21.70 -13.08 0.83
N PHE A 121 -20.59 -13.13 1.58
CA PHE A 121 -20.20 -14.32 2.35
C PHE A 121 -19.70 -13.96 3.76
N THR A 122 -19.79 -14.93 4.66
CA THR A 122 -19.18 -14.83 5.98
C THR A 122 -18.21 -15.99 6.10
N GLY A 123 -17.33 -15.88 7.10
CA GLY A 123 -16.53 -17.00 7.51
C GLY A 123 -15.77 -16.77 8.80
N THR A 124 -14.77 -17.61 9.00
CA THR A 124 -13.87 -17.50 10.13
C THR A 124 -12.41 -17.58 9.63
N TYR A 125 -11.55 -16.83 10.31
CA TYR A 125 -10.12 -16.71 10.00
C TYR A 125 -9.31 -17.07 11.24
N ILE A 126 -8.28 -17.92 11.09
CA ILE A 126 -7.30 -18.21 12.17
C ILE A 126 -5.93 -17.75 11.64
N THR A 127 -5.26 -16.86 12.35
CA THR A 127 -3.94 -16.39 11.90
C THR A 127 -2.86 -17.16 12.64
N ALA A 128 -1.87 -17.65 11.91
CA ALA A 128 -0.78 -18.38 12.58
C ALA A 128 0.33 -17.45 13.06
N VAL A 129 0.27 -16.20 12.63
CA VAL A 129 1.27 -15.21 12.97
C VAL A 129 0.64 -13.95 13.56
N THR A 130 1.34 -13.32 14.49
CA THR A 130 0.95 -12.02 15.01
C THR A 130 2.16 -11.07 15.10
N GLY B 1 11.88 17.57 14.29
CA GLY B 1 12.76 17.49 15.48
C GLY B 1 13.81 16.39 15.38
N SER B 2 13.80 15.65 14.28
CA SER B 2 14.77 14.58 14.10
C SER B 2 16.02 15.03 13.34
N LYS B 3 17.06 14.21 13.48
CA LYS B 3 18.27 14.21 12.66
C LYS B 3 17.93 14.29 11.17
N GLU B 4 18.65 15.11 10.41
CA GLU B 4 18.46 15.12 8.96
C GLU B 4 19.01 13.83 8.35
N SER B 5 18.28 13.28 7.38
CA SER B 5 18.69 12.08 6.69
C SER B 5 18.78 12.36 5.19
N PRO B 6 19.75 11.71 4.50
CA PRO B 6 19.88 11.88 3.06
C PRO B 6 18.80 11.13 2.26
N LEU B 7 18.53 11.63 1.06
CA LEU B 7 17.58 10.99 0.17
C LEU B 7 18.21 10.92 -1.20
N HIS B 8 17.86 9.89 -1.98
CA HIS B 8 18.39 9.80 -3.35
C HIS B 8 17.32 9.31 -4.31
N GLY B 9 17.24 9.91 -5.49
CA GLY B 9 16.16 9.57 -6.40
C GLY B 9 16.42 9.89 -7.85
N THR B 10 15.41 9.63 -8.68
CA THR B 10 15.47 9.86 -10.10
C THR B 10 14.07 10.31 -10.52
N GLN B 11 14.02 11.17 -11.53
CA GLN B 11 12.76 11.49 -12.21
C GLN B 11 12.79 10.92 -13.64
N ASN B 12 11.59 10.73 -14.23
CA ASN B 12 11.40 10.06 -15.52
C ASN B 12 10.33 10.76 -16.36
N THR B 13 10.68 11.15 -17.59
CA THR B 13 9.70 11.76 -18.51
C THR B 13 10.04 11.50 -19.98
N ILE B 14 9.00 11.45 -20.81
CA ILE B 14 9.17 11.44 -22.28
C ILE B 14 8.44 12.64 -22.86
N ASN B 15 7.16 12.73 -22.58
CA ASN B 15 6.32 13.81 -23.08
C ASN B 15 6.38 15.00 -22.13
N LYS B 16 6.82 16.15 -22.62
CA LYS B 16 6.97 17.36 -21.80
C LYS B 16 5.63 17.94 -21.28
N ARG B 17 4.55 17.55 -21.96
CA ARG B 17 3.19 17.97 -21.61
C ARG B 17 2.72 17.55 -20.22
N THR B 18 3.22 16.42 -19.74
CA THR B 18 2.95 15.95 -18.38
C THR B 18 4.22 16.06 -17.57
N GLN B 19 4.08 16.41 -16.28
CA GLN B 19 5.20 16.49 -15.35
C GLN B 19 5.74 15.10 -15.03
N PRO B 20 7.07 14.99 -14.79
CA PRO B 20 7.66 13.69 -14.55
C PRO B 20 7.20 13.02 -13.26
N THR B 21 7.22 11.70 -13.32
CA THR B 21 7.07 10.92 -12.14
C THR B 21 8.48 10.87 -11.52
N PHE B 22 8.54 10.52 -10.25
CA PHE B 22 9.80 10.43 -9.57
C PHE B 22 9.70 9.41 -8.45
N GLY B 23 10.85 8.98 -7.95
CA GLY B 23 10.89 8.18 -6.74
C GLY B 23 12.15 8.57 -6.01
N PHE B 24 12.16 8.37 -4.71
CA PHE B 24 13.39 8.52 -3.94
C PHE B 24 13.35 7.66 -2.70
N THR B 25 14.56 7.36 -2.19
CA THR B 25 14.76 6.60 -0.97
C THR B 25 15.32 7.55 0.07
N VAL B 26 14.79 7.46 1.29
CA VAL B 26 15.32 8.18 2.44
C VAL B 26 16.06 7.17 3.32
N ASN B 27 17.33 7.47 3.55
CA ASN B 27 18.18 6.65 4.39
C ASN B 27 18.23 7.17 5.83
N TRP B 28 17.32 6.68 6.67
CA TRP B 28 17.13 7.20 8.01
C TRP B 28 18.38 7.04 8.82
N LYS B 29 18.80 8.12 9.50
CA LYS B 29 20.06 8.11 10.25
C LYS B 29 19.89 7.92 11.75
N PHE B 30 18.65 7.76 12.21
CA PHE B 30 18.39 7.58 13.64
C PHE B 30 17.65 6.26 13.90
N SER B 31 17.43 5.50 12.82
CA SER B 31 16.70 4.26 12.87
C SER B 31 17.27 3.26 11.88
N GLU B 32 16.87 1.99 11.96
CA GLU B 32 17.33 0.97 11.00
C GLU B 32 16.43 0.88 9.74
N SER B 33 15.46 1.78 9.67
CA SER B 33 14.45 1.77 8.62
C SER B 33 14.90 2.39 7.29
N THR B 34 14.13 2.10 6.25
CA THR B 34 14.27 2.79 4.95
C THR B 34 12.86 3.11 4.47
N THR B 35 12.68 4.31 3.91
CA THR B 35 11.39 4.69 3.31
C THR B 35 11.63 5.02 1.85
N VAL B 36 10.71 4.58 0.99
CA VAL B 36 10.72 5.00 -0.42
C VAL B 36 9.44 5.81 -0.69
N PHE B 37 9.55 6.87 -1.49
CA PHE B 37 8.42 7.74 -1.83
C PHE B 37 8.34 7.75 -3.36
N THR B 38 7.15 7.71 -3.96
CA THR B 38 7.03 7.88 -5.43
C THR B 38 5.79 8.75 -5.72
N GLY B 39 5.86 9.57 -6.77
CA GLY B 39 4.72 10.39 -7.10
C GLY B 39 4.97 11.30 -8.27
N GLN B 40 4.25 12.41 -8.27
CA GLN B 40 4.24 13.30 -9.44
C GLN B 40 3.91 14.71 -9.01
N CYS B 41 4.50 15.69 -9.70
CA CYS B 41 4.22 17.11 -9.44
C CYS B 41 3.03 17.59 -10.23
N PHE B 42 2.15 18.34 -9.58
CA PHE B 42 1.03 18.99 -10.26
C PHE B 42 0.97 20.47 -9.90
N ILE B 43 0.23 21.23 -10.70
CA ILE B 43 -0.17 22.56 -10.33
C ILE B 43 -1.58 22.51 -9.75
N ASP B 44 -1.68 22.85 -8.47
CA ASP B 44 -2.91 22.95 -7.69
C ASP B 44 -3.96 23.85 -8.33
N ARG B 45 -5.20 23.73 -7.85
CA ARG B 45 -6.25 24.72 -8.15
C ARG B 45 -5.78 26.15 -7.89
N ASN B 46 -4.65 26.27 -7.16
CA ASN B 46 -4.39 27.49 -6.38
C ASN B 46 -3.68 28.74 -6.91
N GLY B 47 -2.88 28.70 -7.98
CA GLY B 47 -1.45 28.52 -7.93
C GLY B 47 -0.49 27.37 -7.97
N LYS B 48 -0.59 26.51 -6.96
CA LYS B 48 0.61 26.01 -6.32
C LYS B 48 1.12 24.67 -6.82
N GLU B 49 2.45 24.53 -6.85
CA GLU B 49 3.06 23.23 -7.08
C GLU B 49 2.82 22.32 -5.89
N VAL B 50 2.37 21.10 -6.19
CA VAL B 50 2.19 20.06 -5.18
C VAL B 50 2.85 18.75 -5.63
N LEU B 51 3.68 18.20 -4.75
CA LEU B 51 4.14 16.82 -4.89
C LEU B 51 3.14 15.91 -4.23
N LYS B 52 2.45 15.10 -5.04
CA LYS B 52 1.56 14.08 -4.52
C LYS B 52 2.33 12.75 -4.53
N THR B 53 2.54 12.19 -3.34
CA THR B 53 3.37 11.00 -3.20
C THR B 53 2.67 9.92 -2.39
N MET B 54 3.13 8.69 -2.56
CA MET B 54 2.80 7.63 -1.62
C MET B 54 4.14 7.02 -1.22
N TRP B 55 4.15 6.41 -0.05
CA TRP B 55 5.39 5.91 0.52
C TRP B 55 5.24 4.51 1.12
N LEU B 56 6.36 3.80 1.16
CA LEU B 56 6.50 2.54 1.86
C LEU B 56 7.64 2.70 2.89
N LEU B 57 7.33 2.42 4.15
CA LEU B 57 8.30 2.48 5.24
C LEU B 57 8.57 1.06 5.69
N ARG B 58 9.78 0.61 5.36
CA ARG B 58 10.33 -0.68 5.70
C ARG B 58 11.05 -0.64 7.05
N SER B 59 10.52 -1.39 8.03
CA SER B 59 11.20 -1.63 9.28
C SER B 59 12.19 -2.80 9.16
N SER B 60 13.16 -2.81 10.06
CA SER B 60 14.08 -3.93 10.15
C SER B 60 13.43 -5.04 10.98
N VAL B 61 13.33 -6.25 10.45
CA VAL B 61 13.01 -7.40 11.30
C VAL B 61 14.19 -8.37 11.47
N ASN B 62 14.26 -9.03 12.62
CA ASN B 62 15.37 -9.92 12.97
C ASN B 62 15.17 -11.31 12.40
N ASP B 63 13.90 -11.65 12.24
CA ASP B 63 13.46 -12.99 11.97
C ASP B 63 12.72 -12.91 10.65
N ILE B 64 13.12 -13.71 9.66
CA ILE B 64 12.43 -13.71 8.36
C ILE B 64 10.93 -14.06 8.53
N GLY B 65 10.60 -14.76 9.61
CA GLY B 65 9.22 -15.09 9.94
C GLY B 65 8.32 -13.89 10.14
N ASP B 66 8.94 -12.77 10.56
CA ASP B 66 8.30 -11.49 10.79
C ASP B 66 8.34 -10.54 9.59
N ASP B 67 8.80 -11.02 8.44
CA ASP B 67 8.85 -10.17 7.28
C ASP B 67 7.46 -9.62 6.90
N TRP B 68 6.40 -10.42 7.10
CA TRP B 68 5.03 -10.05 6.65
C TRP B 68 4.59 -8.69 7.19
N LYS B 69 5.14 -8.31 8.35
CA LYS B 69 4.66 -7.12 9.03
C LYS B 69 5.63 -5.95 9.05
N ALA B 70 6.63 -6.00 8.18
CA ALA B 70 7.69 -5.01 8.23
C ALA B 70 7.44 -3.78 7.37
N THR B 71 6.32 -3.70 6.63
CA THR B 71 6.06 -2.62 5.65
C THR B 71 4.78 -1.81 5.88
N ARG B 72 4.96 -0.54 6.21
CA ARG B 72 3.88 0.42 6.30
C ARG B 72 3.74 1.22 5.03
N VAL B 73 2.52 1.71 4.78
CA VAL B 73 2.16 2.46 3.57
C VAL B 73 1.38 3.73 3.97
N GLY B 74 1.54 4.80 3.20
CA GLY B 74 0.70 5.99 3.34
C GLY B 74 0.90 6.99 2.20
N ILE B 75 0.31 8.16 2.35
CA ILE B 75 0.53 9.21 1.34
C ILE B 75 1.31 10.37 1.97
N MET B 76 1.87 11.22 1.13
CA MET B 76 2.37 12.49 1.62
C MET B 76 2.31 13.54 0.54
N ILE B 77 1.65 14.67 0.84
CA ILE B 77 1.54 15.79 -0.09
C ILE B 77 2.50 16.86 0.39
N PHE B 78 3.37 17.31 -0.50
CA PHE B 78 4.32 18.35 -0.18
C PHE B 78 4.00 19.60 -0.97
N THR B 79 4.24 20.75 -0.34
CA THR B 79 4.08 22.05 -0.95
C THR B 79 5.37 22.80 -0.71
N ARG B 80 5.72 23.70 -1.64
CA ARG B 80 6.90 24.52 -1.44
C ARG B 80 6.76 25.34 -0.19
N LEU B 81 7.85 25.43 0.57
CA LEU B 81 7.87 26.19 1.82
C LEU B 81 8.00 27.69 1.56
N CYS B 96 7.40 23.17 -12.58
CA CYS B 96 7.21 22.21 -11.47
C CYS B 96 8.51 21.46 -11.15
N SER B 97 9.59 22.19 -10.85
CA SER B 97 10.88 21.56 -10.58
C SER B 97 10.99 20.92 -9.18
N LEU B 98 11.63 19.76 -9.12
CA LEU B 98 11.81 19.05 -7.86
C LEU B 98 12.74 19.79 -6.91
N THR B 99 13.64 20.59 -7.50
CA THR B 99 14.66 21.34 -6.78
C THR B 99 14.07 22.39 -5.83
N GLY B 100 14.58 22.45 -4.60
CA GLY B 100 14.13 23.45 -3.62
C GLY B 100 13.71 22.88 -2.28
N LYS B 101 12.91 23.65 -1.55
CA LYS B 101 12.45 23.26 -0.21
C LYS B 101 10.95 23.00 -0.15
N TRP B 102 10.61 21.85 0.45
CA TRP B 102 9.26 21.35 0.50
C TRP B 102 8.90 21.06 1.96
N THR B 103 7.62 21.22 2.27
CA THR B 103 7.11 20.98 3.61
C THR B 103 5.82 20.17 3.49
N ASN B 104 5.30 19.70 4.63
CA ASN B 104 4.05 18.94 4.67
C ASN B 104 3.28 19.10 5.98
N ASP B 105 2.07 18.52 5.99
CA ASP B 105 1.10 18.61 7.07
C ASP B 105 1.55 18.07 8.44
N LEU B 106 2.51 17.15 8.43
CA LEU B 106 3.02 16.58 9.67
C LEU B 106 4.05 17.50 10.30
N GLY B 107 4.61 18.38 9.47
CA GLY B 107 5.71 19.24 9.87
C GLY B 107 7.03 18.78 9.26
N SER B 108 7.04 17.65 8.55
CA SER B 108 8.27 17.17 7.92
C SER B 108 8.75 18.11 6.81
N ASN B 109 10.05 18.16 6.61
CA ASN B 109 10.69 19.14 5.71
C ASN B 109 11.67 18.39 4.81
N MET B 110 11.78 18.84 3.57
CA MET B 110 12.59 18.16 2.60
C MET B 110 13.29 19.23 1.75
N THR B 111 14.59 19.05 1.49
CA THR B 111 15.32 19.88 0.52
C THR B 111 15.83 18.99 -0.60
N ILE B 112 15.61 19.39 -1.83
CA ILE B 112 16.10 18.61 -2.96
C ILE B 112 17.06 19.46 -3.77
N GLY B 113 18.22 18.94 -4.13
CA GLY B 113 19.16 19.72 -4.96
C GLY B 113 18.84 19.72 -6.44
N ALA B 114 19.79 20.21 -7.23
CA ALA B 114 19.63 20.26 -8.69
C ALA B 114 19.48 18.85 -9.29
N VAL B 115 18.62 18.72 -10.29
CA VAL B 115 18.37 17.45 -10.97
C VAL B 115 19.32 17.37 -12.16
N ASN B 116 20.05 16.26 -12.30
CA ASN B 116 21.02 16.15 -13.41
C ASN B 116 20.44 15.62 -14.73
N SER B 117 21.28 15.54 -15.77
CA SER B 117 20.82 15.13 -17.11
C SER B 117 20.32 13.68 -17.18
N ARG B 118 20.63 12.88 -16.17
CA ARG B 118 20.10 11.52 -16.07
C ARG B 118 18.77 11.42 -15.32
N GLY B 119 18.36 12.52 -14.69
CA GLY B 119 17.16 12.53 -13.86
C GLY B 119 17.49 12.33 -12.40
N GLU B 120 18.78 12.20 -12.09
CA GLU B 120 19.19 11.87 -10.72
C GLU B 120 19.20 13.12 -9.84
N PHE B 121 18.83 12.95 -8.57
CA PHE B 121 18.90 14.04 -7.61
C PHE B 121 19.12 13.47 -6.22
N THR B 122 19.65 14.31 -5.34
CA THR B 122 19.81 13.95 -3.93
C THR B 122 19.27 15.08 -3.03
N GLY B 123 19.15 14.83 -1.73
CA GLY B 123 18.69 15.89 -0.84
C GLY B 123 18.77 15.49 0.62
N THR B 124 18.02 16.21 1.45
CA THR B 124 17.94 15.90 2.87
C THR B 124 16.49 15.89 3.36
N TYR B 125 16.21 15.01 4.30
CA TYR B 125 14.85 14.88 4.80
C TYR B 125 14.91 14.99 6.30
N ILE B 126 14.01 15.79 6.87
CA ILE B 126 13.78 15.82 8.34
C ILE B 126 12.32 15.45 8.64
N THR B 127 12.12 14.38 9.42
CA THR B 127 10.74 14.00 9.77
C THR B 127 10.36 14.62 11.12
N ALA B 128 9.18 15.22 11.21
CA ALA B 128 8.72 15.73 12.48
C ALA B 128 7.97 14.67 13.28
N VAL B 129 7.86 13.47 12.73
CA VAL B 129 7.17 12.37 13.41
C VAL B 129 7.97 11.08 13.37
N THR B 130 7.81 10.26 14.40
CA THR B 130 8.31 8.90 14.43
C THR B 130 7.26 7.99 15.05
N GLU C 4 16.28 -2.98 -20.35
CA GLU C 4 17.31 -2.70 -19.29
C GLU C 4 17.20 -1.26 -18.79
N SER C 5 16.90 -1.10 -17.50
CA SER C 5 16.68 0.23 -16.94
C SER C 5 17.50 0.49 -15.67
N PRO C 6 17.95 1.74 -15.48
CA PRO C 6 18.81 2.11 -14.35
C PRO C 6 18.06 2.11 -13.02
N LEU C 7 18.76 1.70 -11.97
CA LEU C 7 18.27 1.83 -10.63
C LEU C 7 19.35 2.45 -9.80
N HIS C 8 18.95 3.11 -8.72
CA HIS C 8 19.87 3.38 -7.62
C HIS C 8 19.13 3.58 -6.32
N GLY C 9 19.84 3.41 -5.22
CA GLY C 9 19.21 3.57 -3.92
C GLY C 9 20.26 3.49 -2.86
N THR C 10 19.86 3.05 -1.69
CA THR C 10 20.75 3.04 -0.56
C THR C 10 20.37 1.90 0.35
N GLN C 11 21.38 1.38 1.02
CA GLN C 11 21.12 0.38 2.04
C GLN C 11 21.44 1.02 3.38
N ASN C 12 20.66 0.64 4.39
CA ASN C 12 20.82 1.24 5.69
C ASN C 12 21.87 0.41 6.42
N THR C 13 22.91 1.05 6.92
CA THR C 13 23.87 0.29 7.72
C THR C 13 24.12 0.98 9.07
N ILE C 14 23.06 1.54 9.62
CA ILE C 14 23.09 2.18 10.95
C ILE C 14 23.44 1.25 12.12
N ASN C 15 23.18 -0.05 11.98
CA ASN C 15 23.69 -1.02 12.98
C ASN C 15 24.69 -2.08 12.47
N LYS C 16 25.20 -1.86 11.25
CA LYS C 16 26.10 -2.81 10.58
C LYS C 16 25.42 -4.18 10.42
N ARG C 17 24.14 -4.16 10.07
CA ARG C 17 23.34 -5.38 10.05
C ARG C 17 23.76 -6.33 8.94
N THR C 18 23.79 -7.62 9.26
CA THR C 18 24.12 -8.67 8.29
C THR C 18 22.91 -8.95 7.40
N GLN C 19 21.77 -8.37 7.79
CA GLN C 19 20.51 -8.46 7.05
C GLN C 19 19.87 -7.07 6.95
N PRO C 20 20.49 -6.13 6.20
CA PRO C 20 20.11 -4.68 6.16
C PRO C 20 18.82 -4.39 5.37
N THR C 21 18.11 -3.32 5.74
CA THR C 21 16.98 -2.80 4.91
C THR C 21 17.58 -1.93 3.82
N PHE C 22 16.81 -1.69 2.76
CA PHE C 22 17.27 -0.91 1.63
C PHE C 22 16.07 -0.37 0.82
N GLY C 23 16.34 0.58 -0.07
CA GLY C 23 15.32 0.99 -1.03
C GLY C 23 16.01 1.45 -2.31
N PHE C 24 15.34 1.29 -3.45
CA PHE C 24 15.82 1.83 -4.72
C PHE C 24 14.69 2.31 -5.64
N THR C 25 15.07 3.20 -6.54
CA THR C 25 14.18 3.75 -7.57
C THR C 25 14.60 3.18 -8.92
N VAL C 26 13.63 2.67 -9.67
CA VAL C 26 13.86 2.22 -11.05
C VAL C 26 13.22 3.19 -12.01
N ASN C 27 14.06 3.69 -12.89
CA ASN C 27 13.76 4.75 -13.79
C ASN C 27 13.51 4.12 -15.15
N TRP C 28 12.24 3.79 -15.42
CA TRP C 28 11.94 2.96 -16.58
C TRP C 28 12.20 3.73 -17.87
N LYS C 29 13.02 3.17 -18.77
CA LYS C 29 13.52 3.90 -19.96
C LYS C 29 12.55 4.07 -21.16
N PHE C 30 11.55 3.20 -21.30
CA PHE C 30 10.67 3.39 -22.47
C PHE C 30 9.22 3.57 -22.05
N SER C 31 9.10 4.28 -20.94
CA SER C 31 7.83 4.68 -20.35
C SER C 31 8.14 5.85 -19.40
N GLU C 32 7.10 6.43 -18.82
CA GLU C 32 7.23 7.58 -17.93
C GLU C 32 6.86 7.17 -16.52
N SER C 33 6.89 5.87 -16.27
CA SER C 33 6.55 5.34 -14.95
C SER C 33 7.81 5.30 -14.08
N THR C 34 7.60 5.19 -12.78
CA THR C 34 8.70 5.06 -11.84
C THR C 34 8.24 4.00 -10.87
N THR C 35 9.14 3.08 -10.53
CA THR C 35 8.86 2.11 -9.48
C THR C 35 9.85 2.33 -8.35
N VAL C 36 9.36 2.24 -7.11
CA VAL C 36 10.25 2.22 -5.95
C VAL C 36 10.12 0.87 -5.24
N PHE C 37 11.24 0.35 -4.73
CA PHE C 37 11.27 -0.95 -4.01
C PHE C 37 11.92 -0.70 -2.69
N THR C 38 11.43 -1.37 -1.66
CA THR C 38 12.05 -1.34 -0.36
C THR C 38 11.91 -2.70 0.29
N GLY C 39 12.95 -3.09 1.00
CA GLY C 39 12.93 -4.40 1.62
C GLY C 39 14.10 -4.64 2.52
N GLN C 40 14.38 -5.93 2.71
CA GLN C 40 15.45 -6.40 3.55
C GLN C 40 16.09 -7.62 2.93
N CYS C 41 17.39 -7.72 3.16
CA CYS C 41 18.19 -8.83 2.74
C CYS C 41 18.12 -9.88 3.85
N PHE C 42 17.68 -11.09 3.54
CA PHE C 42 17.66 -12.14 4.57
C PHE C 42 18.57 -13.32 4.21
N ILE C 43 19.18 -13.93 5.22
CA ILE C 43 19.72 -15.28 5.13
C ILE C 43 18.55 -16.17 5.56
N ASP C 44 17.94 -16.83 4.58
CA ASP C 44 16.80 -17.71 4.83
C ASP C 44 17.16 -18.93 5.70
N ARG C 45 16.14 -19.68 6.10
CA ARG C 45 16.34 -20.84 6.93
C ARG C 45 17.22 -21.94 6.29
N ASN C 46 17.29 -21.95 4.96
CA ASN C 46 18.08 -22.94 4.21
C ASN C 46 19.44 -22.43 3.76
N GLY C 47 19.83 -21.25 4.26
CA GLY C 47 21.12 -20.64 3.89
C GLY C 47 21.16 -19.75 2.65
N LYS C 48 20.05 -19.66 1.91
CA LYS C 48 20.04 -18.85 0.69
C LYS C 48 19.88 -17.39 1.04
N GLU C 49 20.54 -16.51 0.29
CA GLU C 49 20.24 -15.09 0.36
C GLU C 49 18.92 -14.85 -0.38
N VAL C 50 18.08 -14.01 0.21
CA VAL C 50 16.78 -13.63 -0.35
C VAL C 50 16.45 -12.16 -0.04
N LEU C 51 16.13 -11.38 -1.08
CA LEU C 51 15.62 -10.04 -0.89
C LEU C 51 14.11 -10.11 -0.83
N LYS C 52 13.53 -9.79 0.33
CA LYS C 52 12.08 -9.63 0.43
C LYS C 52 11.78 -8.16 0.27
N THR C 53 11.07 -7.79 -0.80
CA THR C 53 10.72 -6.39 -1.03
C THR C 53 9.25 -6.15 -1.34
N MET C 54 8.84 -4.89 -1.21
CA MET C 54 7.55 -4.43 -1.71
C MET C 54 7.83 -3.20 -2.57
N TRP C 55 6.94 -2.96 -3.51
CA TRP C 55 7.17 -1.91 -4.50
C TRP C 55 5.91 -1.02 -4.69
N LEU C 56 6.10 0.19 -5.23
CA LEU C 56 5.00 1.04 -5.63
C LEU C 56 5.39 1.47 -7.03
N LEU C 57 4.46 1.29 -7.95
CA LEU C 57 4.66 1.58 -9.36
C LEU C 57 3.79 2.80 -9.65
N ARG C 58 4.45 3.91 -9.95
CA ARG C 58 3.72 5.14 -10.23
C ARG C 58 3.57 5.43 -11.72
N SER C 59 2.32 5.58 -12.18
CA SER C 59 2.03 5.97 -13.56
C SER C 59 1.95 7.47 -13.67
N SER C 60 2.31 7.97 -14.84
CA SER C 60 2.15 9.37 -15.11
C SER C 60 0.68 9.55 -15.43
N VAL C 61 0.02 10.50 -14.76
CA VAL C 61 -1.35 10.83 -15.18
C VAL C 61 -1.39 12.25 -15.73
N ASN C 62 -2.43 12.58 -16.51
CA ASN C 62 -2.51 13.86 -17.24
C ASN C 62 -3.07 15.03 -16.44
N ASP C 63 -3.69 14.73 -15.30
CA ASP C 63 -4.60 15.65 -14.63
C ASP C 63 -4.54 15.26 -13.16
N ILE C 64 -4.40 16.26 -12.28
CA ILE C 64 -4.35 16.05 -10.83
C ILE C 64 -5.55 15.25 -10.31
N GLY C 65 -6.68 15.33 -11.02
CA GLY C 65 -7.90 14.57 -10.69
C GLY C 65 -7.87 13.06 -10.87
N ASP C 66 -6.92 12.60 -11.70
CA ASP C 66 -6.62 11.17 -11.84
C ASP C 66 -5.46 10.69 -10.93
N ASP C 67 -4.92 11.56 -10.09
CA ASP C 67 -3.81 11.19 -9.19
C ASP C 67 -4.14 9.99 -8.30
N TRP C 68 -5.40 9.87 -7.91
CA TRP C 68 -5.86 8.81 -7.00
C TRP C 68 -5.60 7.40 -7.55
N LYS C 69 -5.59 7.26 -8.88
CA LYS C 69 -5.47 5.95 -9.54
C LYS C 69 -4.08 5.62 -10.11
N ALA C 70 -3.08 6.41 -9.70
CA ALA C 70 -1.79 6.38 -10.37
C ALA C 70 -0.77 5.45 -9.71
N THR C 71 -1.14 4.83 -8.60
CA THR C 71 -0.18 3.99 -7.82
C THR C 71 -0.58 2.52 -7.64
N ARG C 72 0.21 1.60 -8.19
CA ARG C 72 0.03 0.15 -7.95
C ARG C 72 1.01 -0.35 -6.90
N VAL C 73 0.64 -1.39 -6.14
CA VAL C 73 1.48 -1.92 -5.09
C VAL C 73 1.59 -3.45 -5.22
N GLY C 74 2.70 -4.02 -4.76
CA GLY C 74 2.87 -5.48 -4.71
C GLY C 74 4.19 -5.86 -4.07
N ILE C 75 4.53 -7.15 -4.16
CA ILE C 75 5.78 -7.65 -3.53
C ILE C 75 6.68 -8.13 -4.62
N MET C 76 7.97 -8.22 -4.31
CA MET C 76 8.90 -8.91 -5.18
C MET C 76 9.96 -9.58 -4.30
N ILE C 77 10.04 -10.90 -4.40
CA ILE C 77 11.11 -11.66 -3.76
C ILE C 77 12.20 -12.04 -4.74
N PHE C 78 13.44 -11.65 -4.45
CA PHE C 78 14.54 -11.91 -5.36
C PHE C 78 15.42 -12.97 -4.76
N THR C 79 15.91 -13.87 -5.60
CA THR C 79 16.98 -14.77 -5.15
C THR C 79 18.13 -14.72 -6.17
N ARG C 80 19.31 -15.14 -5.74
CA ARG C 80 20.51 -15.11 -6.59
C ARG C 80 20.46 -16.03 -7.82
N CYS C 96 24.62 -11.26 3.70
CA CYS C 96 23.63 -10.86 2.64
C CYS C 96 24.03 -9.51 2.00
N SER C 97 24.67 -9.58 0.85
CA SER C 97 25.11 -8.38 0.14
C SER C 97 24.14 -8.13 -1.00
N LEU C 98 23.89 -6.85 -1.30
CA LEU C 98 23.00 -6.48 -2.40
C LEU C 98 23.68 -6.65 -3.75
N THR C 99 24.99 -6.50 -3.74
CA THR C 99 25.82 -6.58 -4.95
C THR C 99 25.71 -7.94 -5.62
N GLY C 100 25.45 -7.93 -6.93
CA GLY C 100 25.43 -9.16 -7.74
C GLY C 100 24.20 -9.27 -8.62
N LYS C 101 23.91 -10.50 -9.05
CA LYS C 101 22.75 -10.76 -9.90
C LYS C 101 21.62 -11.47 -9.16
N TRP C 102 20.41 -10.99 -9.42
CA TRP C 102 19.20 -11.42 -8.71
C TRP C 102 18.09 -11.65 -9.71
N THR C 103 17.21 -12.58 -9.40
CA THR C 103 16.11 -12.92 -10.28
C THR C 103 14.84 -13.16 -9.45
N ASN C 104 13.68 -13.09 -10.10
CA ASN C 104 12.40 -13.34 -9.44
C ASN C 104 11.50 -14.31 -10.22
N ASP C 105 10.29 -14.56 -9.72
CA ASP C 105 9.30 -15.47 -10.34
C ASP C 105 8.77 -14.97 -11.69
N LEU C 106 8.71 -13.65 -11.83
CA LEU C 106 8.17 -13.03 -13.04
C LEU C 106 9.09 -13.20 -14.24
N GLY C 107 10.37 -13.48 -13.97
CA GLY C 107 11.39 -13.63 -15.02
C GLY C 107 12.30 -12.43 -15.11
N SER C 108 12.04 -11.42 -14.27
CA SER C 108 12.84 -10.20 -14.20
C SER C 108 14.21 -10.42 -13.56
N ASN C 109 15.12 -9.51 -13.89
CA ASN C 109 16.52 -9.63 -13.54
C ASN C 109 17.07 -8.29 -13.11
N MET C 110 17.81 -8.31 -12.02
CA MET C 110 18.43 -7.12 -11.51
C MET C 110 19.90 -7.43 -11.21
N THR C 111 20.76 -6.44 -11.46
CA THR C 111 22.14 -6.54 -11.02
C THR C 111 22.49 -5.24 -10.27
N ILE C 112 23.09 -5.39 -9.09
CA ILE C 112 23.45 -4.26 -8.25
C ILE C 112 24.98 -4.10 -8.24
N GLY C 113 25.44 -2.85 -8.34
CA GLY C 113 26.84 -2.52 -8.29
C GLY C 113 27.42 -2.58 -6.90
N ALA C 114 28.62 -2.01 -6.73
CA ALA C 114 29.23 -1.97 -5.40
C ALA C 114 28.42 -1.04 -4.51
N VAL C 115 28.36 -1.38 -3.23
CA VAL C 115 27.73 -0.53 -2.24
C VAL C 115 28.85 0.24 -1.57
N ASN C 116 28.79 1.58 -1.64
CA ASN C 116 29.84 2.42 -1.05
C ASN C 116 29.69 2.61 0.46
N SER C 117 30.63 3.35 1.05
CA SER C 117 30.68 3.61 2.49
C SER C 117 29.40 4.22 3.06
N ARG C 118 28.68 4.96 2.22
CA ARG C 118 27.47 5.67 2.66
C ARG C 118 26.17 4.91 2.40
N GLY C 119 26.28 3.66 1.95
CA GLY C 119 25.14 2.80 1.66
C GLY C 119 24.61 2.91 0.24
N GLU C 120 25.21 3.80 -0.56
CA GLU C 120 24.72 4.08 -1.91
C GLU C 120 25.15 3.04 -2.93
N PHE C 121 24.22 2.66 -3.80
CA PHE C 121 24.51 1.78 -4.94
C PHE C 121 23.70 2.16 -6.17
N THR C 122 24.14 1.69 -7.33
CA THR C 122 23.39 1.79 -8.57
C THR C 122 23.31 0.39 -9.20
N GLY C 123 22.40 0.19 -10.15
CA GLY C 123 22.37 -1.05 -10.92
C GLY C 123 21.54 -0.97 -12.18
N THR C 124 21.17 -2.13 -12.71
CA THR C 124 20.25 -2.20 -13.83
C THR C 124 19.12 -3.17 -13.51
N TYR C 125 17.95 -2.91 -14.08
CA TYR C 125 16.79 -3.75 -13.88
C TYR C 125 16.25 -4.12 -15.26
N ILE C 126 16.26 -5.41 -15.59
CA ILE C 126 15.62 -5.90 -16.80
C ILE C 126 14.24 -6.43 -16.39
N THR C 127 13.17 -5.71 -16.74
CA THR C 127 11.82 -6.19 -16.45
C THR C 127 11.33 -7.16 -17.52
N ALA C 128 10.64 -8.21 -17.06
CA ALA C 128 10.14 -9.27 -17.93
C ALA C 128 8.65 -9.07 -18.14
N VAL C 129 8.05 -8.18 -17.36
CA VAL C 129 6.63 -7.87 -17.49
C VAL C 129 6.39 -6.37 -17.55
N THR C 130 5.21 -5.98 -18.03
CA THR C 130 4.88 -4.57 -18.19
C THR C 130 3.37 -4.36 -18.04
N GLU D 4 -24.94 3.48 -7.39
CA GLU D 4 -24.69 2.97 -6.01
C GLU D 4 -24.24 1.51 -6.08
N SER D 5 -23.16 1.20 -5.36
CA SER D 5 -22.78 -0.16 -5.07
C SER D 5 -22.87 -0.42 -3.56
N PRO D 6 -23.26 -1.67 -3.19
CA PRO D 6 -23.42 -2.09 -1.81
C PRO D 6 -22.07 -2.17 -1.09
N LEU D 7 -22.05 -1.84 0.19
CA LEU D 7 -20.86 -2.06 0.98
C LEU D 7 -21.23 -2.87 2.19
N HIS D 8 -20.23 -3.59 2.70
CA HIS D 8 -20.41 -4.53 3.82
CA HIS D 8 -20.42 -4.50 3.84
C HIS D 8 -19.12 -4.57 4.67
N GLY D 9 -19.22 -4.35 5.97
CA GLY D 9 -18.03 -4.50 6.80
C GLY D 9 -18.31 -4.61 8.29
N THR D 10 -17.28 -4.39 9.07
CA THR D 10 -17.39 -4.49 10.53
C THR D 10 -16.55 -3.43 11.19
N GLN D 11 -16.87 -3.17 12.44
CA GLN D 11 -16.02 -2.35 13.26
C GLN D 11 -15.64 -3.22 14.43
N ASN D 12 -14.39 -3.08 14.88
CA ASN D 12 -13.86 -3.91 15.94
C ASN D 12 -14.67 -3.69 17.21
N THR D 13 -14.81 -4.74 18.03
CA THR D 13 -15.56 -4.65 19.29
C THR D 13 -14.71 -5.05 20.53
N ILE D 14 -13.38 -5.12 20.37
CA ILE D 14 -12.49 -5.56 21.47
C ILE D 14 -12.48 -4.64 22.72
N ASN D 15 -12.13 -3.36 22.54
CA ASN D 15 -12.32 -2.38 23.63
C ASN D 15 -13.38 -1.38 23.20
N LYS D 16 -13.76 -0.52 24.16
CA LYS D 16 -14.58 0.63 23.88
C LYS D 16 -13.84 1.89 24.31
N ARG D 17 -12.54 1.77 24.59
CA ARG D 17 -11.75 2.87 25.20
C ARG D 17 -11.17 3.82 24.15
N THR D 18 -11.35 3.42 22.90
CA THR D 18 -10.91 4.15 21.73
C THR D 18 -12.08 4.12 20.74
N GLN D 19 -11.91 4.82 19.62
N GLN D 19 -11.94 4.88 19.65
CA GLN D 19 -12.83 4.78 18.50
CA GLN D 19 -12.81 4.71 18.51
C GLN D 19 -12.39 3.61 17.60
C GLN D 19 -12.33 3.48 17.75
N PRO D 20 -13.28 2.61 17.37
CA PRO D 20 -12.89 1.36 16.72
C PRO D 20 -12.26 1.54 15.35
N THR D 21 -11.37 0.62 15.01
CA THR D 21 -10.96 0.49 13.61
C THR D 21 -12.12 -0.23 12.92
N PHE D 22 -12.17 -0.16 11.60
CA PHE D 22 -13.25 -0.74 10.84
C PHE D 22 -12.70 -1.13 9.51
N GLY D 23 -13.41 -1.97 8.76
CA GLY D 23 -13.00 -2.25 7.35
C GLY D 23 -14.28 -2.54 6.62
N PHE D 24 -14.32 -2.24 5.33
CA PHE D 24 -15.46 -2.63 4.52
C PHE D 24 -15.03 -2.89 3.10
N THR D 25 -15.88 -3.62 2.41
CA THR D 25 -15.68 -3.96 1.01
C THR D 25 -16.80 -3.29 0.24
N VAL D 26 -16.46 -2.67 -0.90
CA VAL D 26 -17.47 -2.16 -1.81
C VAL D 26 -17.49 -3.13 -2.99
N ASN D 27 -18.66 -3.66 -3.28
CA ASN D 27 -18.83 -4.68 -4.29
C ASN D 27 -19.40 -4.03 -5.53
N TRP D 28 -18.51 -3.48 -6.35
CA TRP D 28 -18.85 -2.67 -7.50
C TRP D 28 -19.84 -3.34 -8.40
N LYS D 29 -20.87 -2.59 -8.78
CA LYS D 29 -21.96 -3.17 -9.57
C LYS D 29 -21.90 -2.74 -11.03
N PHE D 30 -20.86 -1.98 -11.38
CA PHE D 30 -20.71 -1.49 -12.76
C PHE D 30 -19.40 -1.96 -13.40
N SER D 31 -18.63 -2.73 -12.65
CA SER D 31 -17.36 -3.27 -13.13
C SER D 31 -17.04 -4.58 -12.41
N GLU D 32 -15.97 -5.24 -12.84
CA GLU D 32 -15.60 -6.49 -12.20
C GLU D 32 -14.67 -6.31 -10.99
N SER D 33 -14.46 -5.06 -10.55
CA SER D 33 -13.48 -4.78 -9.49
C SER D 33 -14.08 -4.89 -8.11
N THR D 34 -13.21 -5.01 -7.11
CA THR D 34 -13.61 -4.87 -5.71
CA THR D 34 -13.58 -4.90 -5.70
C THR D 34 -12.63 -3.91 -5.06
N THR D 35 -13.13 -3.14 -4.09
CA THR D 35 -12.28 -2.21 -3.27
C THR D 35 -12.52 -2.48 -1.80
N VAL D 36 -11.44 -2.51 -1.02
CA VAL D 36 -11.56 -2.64 0.41
C VAL D 36 -11.07 -1.36 1.05
N PHE D 37 -11.72 -0.98 2.14
CA PHE D 37 -11.31 0.23 2.86
C PHE D 37 -11.05 -0.21 4.28
N THR D 38 -10.03 0.39 4.90
CA THR D 38 -9.84 0.18 6.31
C THR D 38 -9.34 1.46 7.01
N GLY D 39 -9.77 1.69 8.25
CA GLY D 39 -9.39 2.96 8.86
C GLY D 39 -9.84 3.12 10.27
N GLN D 40 -9.88 4.35 10.74
CA GLN D 40 -10.38 4.59 12.08
C GLN D 40 -11.07 5.97 12.10
N CYS D 41 -12.11 6.11 12.92
CA CYS D 41 -12.80 7.38 13.08
C CYS D 41 -12.15 8.16 14.18
N PHE D 42 -11.98 9.45 13.93
CA PHE D 42 -11.39 10.35 14.90
C PHE D 42 -12.27 11.53 15.17
N ILE D 43 -12.23 12.03 16.39
CA ILE D 43 -12.68 13.37 16.63
C ILE D 43 -11.43 14.24 16.44
N ASP D 44 -11.42 15.01 15.35
CA ASP D 44 -10.33 15.94 15.02
C ASP D 44 -10.22 17.05 16.08
N ARG D 45 -9.19 17.88 15.94
CA ARG D 45 -8.89 18.96 16.87
CA ARG D 45 -8.92 18.92 16.92
C ARG D 45 -9.99 20.03 16.92
N ASN D 46 -10.69 20.19 15.80
CA ASN D 46 -11.80 21.14 15.64
C ASN D 46 -13.19 20.60 16.03
N GLY D 47 -13.23 19.36 16.52
CA GLY D 47 -14.47 18.74 16.99
C GLY D 47 -15.22 17.95 15.92
N LYS D 48 -14.73 17.98 14.68
CA LYS D 48 -15.41 17.30 13.59
C LYS D 48 -15.02 15.82 13.60
N GLU D 49 -15.97 14.94 13.25
CA GLU D 49 -15.67 13.54 13.06
C GLU D 49 -15.00 13.41 11.70
N VAL D 50 -13.95 12.58 11.64
CA VAL D 50 -13.24 12.32 10.37
C VAL D 50 -12.97 10.81 10.29
N LEU D 51 -13.21 10.20 9.11
CA LEU D 51 -12.80 8.82 8.89
C LEU D 51 -11.56 8.83 8.05
N LYS D 52 -10.45 8.40 8.62
CA LYS D 52 -9.24 8.25 7.82
C LYS D 52 -9.11 6.79 7.43
N THR D 53 -9.08 6.56 6.12
CA THR D 53 -9.02 5.23 5.56
C THR D 53 -7.96 5.14 4.47
N MET D 54 -7.56 3.91 4.18
CA MET D 54 -6.76 3.60 3.01
C MET D 54 -7.46 2.46 2.35
N TRP D 55 -7.19 2.30 1.08
CA TRP D 55 -7.95 1.35 0.30
C TRP D 55 -7.05 0.60 -0.70
N LEU D 56 -7.51 -0.59 -1.07
CA LEU D 56 -6.92 -1.35 -2.15
C LEU D 56 -8.03 -1.54 -3.18
N LEU D 57 -7.74 -1.19 -4.42
CA LEU D 57 -8.71 -1.37 -5.48
C LEU D 57 -8.20 -2.53 -6.34
N ARG D 58 -8.94 -3.65 -6.30
CA ARG D 58 -8.55 -4.86 -7.07
C ARG D 58 -9.27 -4.88 -8.41
N SER D 59 -8.51 -4.87 -9.49
CA SER D 59 -9.00 -5.07 -10.83
C SER D 59 -9.01 -6.53 -11.18
N SER D 60 -9.91 -6.90 -12.09
CA SER D 60 -9.93 -8.23 -12.66
C SER D 60 -8.86 -8.41 -13.76
N VAL D 61 -8.21 -9.57 -13.76
CA VAL D 61 -7.30 -9.94 -14.85
C VAL D 61 -7.74 -11.27 -15.44
N ASN D 62 -7.36 -11.51 -16.68
CA ASN D 62 -7.72 -12.76 -17.34
C ASN D 62 -6.64 -13.83 -17.24
N ASP D 63 -5.44 -13.43 -16.81
CA ASP D 63 -4.30 -14.33 -16.83
C ASP D 63 -3.60 -14.18 -15.49
N ILE D 64 -3.28 -15.30 -14.85
CA ILE D 64 -2.68 -15.27 -13.52
C ILE D 64 -1.31 -14.60 -13.53
N GLY D 65 -0.66 -14.58 -14.69
CA GLY D 65 0.59 -13.88 -14.88
C GLY D 65 0.50 -12.37 -14.84
N ASP D 66 -0.71 -11.81 -15.01
CA ASP D 66 -0.97 -10.37 -14.84
C ASP D 66 -1.41 -10.01 -13.41
N ASP D 67 -1.41 -10.98 -12.51
CA ASP D 67 -1.86 -10.70 -11.13
C ASP D 67 -1.09 -9.55 -10.50
N TRP D 68 0.23 -9.48 -10.78
CA TRP D 68 1.11 -8.47 -10.16
C TRP D 68 0.65 -7.03 -10.38
N LYS D 69 -0.08 -6.77 -11.46
CA LYS D 69 -0.51 -5.39 -11.77
C LYS D 69 -1.96 -5.03 -11.41
N ALA D 70 -2.61 -5.89 -10.62
CA ALA D 70 -4.05 -5.79 -10.37
C ALA D 70 -4.47 -4.95 -9.19
N THR D 71 -3.50 -4.45 -8.41
CA THR D 71 -3.87 -3.75 -7.17
C THR D 71 -3.37 -2.33 -7.11
N ARG D 72 -4.31 -1.39 -6.96
CA ARG D 72 -3.97 0.01 -6.71
C ARG D 72 -4.20 0.33 -5.28
N VAL D 73 -3.52 1.35 -4.78
CA VAL D 73 -3.63 1.69 -3.36
C VAL D 73 -3.76 3.21 -3.22
N GLY D 74 -4.36 3.65 -2.12
CA GLY D 74 -4.51 5.09 -1.90
C GLY D 74 -5.23 5.40 -0.62
N ILE D 75 -5.44 6.69 -0.37
CA ILE D 75 -6.15 7.06 0.85
C ILE D 75 -7.51 7.61 0.52
N MET D 76 -8.37 7.67 1.54
CA MET D 76 -9.64 8.40 1.44
C MET D 76 -10.00 8.96 2.79
N ILE D 77 -10.19 10.28 2.88
CA ILE D 77 -10.66 10.90 4.15
C ILE D 77 -12.10 11.33 3.95
N PHE D 78 -12.97 10.90 4.86
CA PHE D 78 -14.39 11.21 4.78
C PHE D 78 -14.79 12.15 5.88
N THR D 79 -15.68 13.09 5.55
CA THR D 79 -16.24 14.00 6.54
C THR D 79 -17.75 13.80 6.50
N ARG D 80 -18.45 14.10 7.60
CA ARG D 80 -19.91 13.99 7.59
C ARG D 80 -20.53 14.93 6.58
N LEU D 81 -21.57 14.46 5.89
CA LEU D 81 -22.31 15.26 4.93
C LEU D 81 -23.01 16.49 5.54
N CYS D 96 -18.60 9.45 17.14
CA CYS D 96 -17.97 8.82 15.97
C CYS D 96 -18.68 7.56 15.48
N SER D 97 -20.01 7.57 15.46
CA SER D 97 -20.77 6.44 14.96
C SER D 97 -20.54 6.38 13.46
N LEU D 98 -20.33 5.19 12.93
CA LEU D 98 -20.05 5.07 11.50
C LEU D 98 -21.32 5.30 10.69
N THR D 99 -22.44 5.04 11.35
CA THR D 99 -23.77 5.19 10.82
C THR D 99 -23.99 6.62 10.36
N GLY D 100 -24.55 6.77 9.16
CA GLY D 100 -24.89 8.09 8.63
C GLY D 100 -24.38 8.24 7.22
N LYS D 101 -24.27 9.49 6.76
CA LYS D 101 -23.77 9.80 5.44
C LYS D 101 -22.39 10.47 5.55
N TRP D 102 -21.52 10.12 4.61
CA TRP D 102 -20.12 10.55 4.59
C TRP D 102 -19.75 11.02 3.19
N THR D 103 -18.97 12.10 3.11
CA THR D 103 -18.55 12.65 1.83
C THR D 103 -17.04 12.77 1.75
N ASN D 104 -16.51 12.97 0.55
CA ASN D 104 -15.08 13.21 0.36
C ASN D 104 -14.86 14.30 -0.67
N ASP D 105 -13.62 14.79 -0.74
CA ASP D 105 -13.22 15.87 -1.63
C ASP D 105 -13.26 15.49 -3.13
N LEU D 106 -12.96 14.23 -3.44
CA LEU D 106 -13.19 13.70 -4.79
C LEU D 106 -14.65 13.85 -5.20
N GLY D 107 -15.56 13.93 -4.22
CA GLY D 107 -16.98 14.06 -4.48
C GLY D 107 -17.70 12.73 -4.28
N SER D 108 -16.93 11.71 -3.92
CA SER D 108 -17.47 10.40 -3.59
C SER D 108 -18.21 10.51 -2.27
N ASN D 109 -19.23 9.68 -2.12
CA ASN D 109 -19.98 9.69 -0.88
C ASN D 109 -20.55 8.30 -0.55
N MET D 110 -20.91 8.13 0.71
CA MET D 110 -21.43 6.83 1.14
C MET D 110 -22.40 6.97 2.29
N THR D 111 -23.27 5.97 2.44
CA THR D 111 -24.23 5.85 3.53
C THR D 111 -24.01 4.54 4.29
N ILE D 112 -23.88 4.65 5.60
CA ILE D 112 -23.69 3.47 6.44
C ILE D 112 -24.92 3.34 7.35
N GLY D 113 -25.43 2.12 7.40
CA GLY D 113 -26.61 1.81 8.17
C GLY D 113 -26.24 1.57 9.61
N ALA D 114 -27.15 0.97 10.38
CA ALA D 114 -26.90 0.73 11.78
C ALA D 114 -25.80 -0.31 11.98
N VAL D 115 -25.04 -0.12 13.04
CA VAL D 115 -24.01 -1.10 13.43
C VAL D 115 -24.62 -2.00 14.50
N ASN D 116 -24.69 -3.31 14.24
CA ASN D 116 -25.34 -4.23 15.20
C ASN D 116 -24.40 -4.73 16.29
N SER D 117 -24.88 -5.63 17.13
CA SER D 117 -24.13 -6.00 18.33
C SER D 117 -22.80 -6.74 18.05
N ARG D 118 -22.66 -7.35 16.87
CA ARG D 118 -21.41 -8.00 16.45
C ARG D 118 -20.48 -7.05 15.67
N GLY D 119 -20.91 -5.78 15.58
CA GLY D 119 -20.17 -4.72 14.91
C GLY D 119 -20.31 -4.72 13.40
N GLU D 120 -21.32 -5.40 12.88
CA GLU D 120 -21.53 -5.45 11.42
C GLU D 120 -22.39 -4.31 10.90
N PHE D 121 -22.10 -3.84 9.69
CA PHE D 121 -22.89 -2.80 9.08
C PHE D 121 -22.96 -3.02 7.58
N THR D 122 -24.02 -2.51 6.96
CA THR D 122 -24.05 -2.48 5.48
C THR D 122 -24.25 -1.03 5.06
N GLY D 123 -24.08 -0.74 3.78
CA GLY D 123 -24.32 0.61 3.33
C GLY D 123 -24.31 0.66 1.82
N THR D 124 -24.19 1.88 1.30
CA THR D 124 -24.05 2.10 -0.14
C THR D 124 -22.95 3.12 -0.43
N TYR D 125 -22.27 2.94 -1.56
CA TYR D 125 -21.15 3.79 -1.92
C TYR D 125 -21.36 4.35 -3.33
N ILE D 126 -21.21 5.67 -3.45
CA ILE D 126 -21.25 6.32 -4.76
C ILE D 126 -19.88 6.92 -5.07
N THR D 127 -19.29 6.47 -6.18
CA THR D 127 -18.00 6.98 -6.58
C THR D 127 -18.18 8.08 -7.64
N ALA D 128 -17.47 9.18 -7.40
CA ALA D 128 -17.51 10.31 -8.31
C ALA D 128 -16.49 10.10 -9.42
N VAL D 129 -15.59 9.13 -9.21
CA VAL D 129 -14.47 8.98 -10.13
C VAL D 129 -14.30 7.54 -10.53
N THR D 130 -13.74 7.37 -11.70
CA THR D 130 -13.52 6.07 -12.25
C THR D 130 -12.25 6.26 -13.08
#